data_8T5T
#
_entry.id   8T5T
#
_cell.length_a   122.291
_cell.length_b   122.291
_cell.length_c   122.291
_cell.angle_alpha   90.00
_cell.angle_beta   90.00
_cell.angle_gamma   90.00
#
_symmetry.space_group_name_H-M   'P 41 3 2'
#
loop_
_entity.id
_entity.type
_entity.pdbx_description
1 polymer 'Outer membrane lipoprotein carrier protein (LolA)'
2 non-polymer 'SULFATE ION'
3 non-polymer 'STEARIC ACID'
4 water water
#
_entity_poly.entity_id   1
_entity_poly.type   'polypeptide(L)'
_entity_poly.pdbx_seq_one_letter_code
;MQISANQYFEGIYAKYQNIEDMQATINFTLKGLKQTGVLLYKFPDKFIINLDSNNQVFVSDGEFLTVYVPSLGTSFNQQL
LKGSSGGGLMKVLNSEYSVSYTNSPNLEDLDSSEPGKYIKLTFSRKLYKGAATINSFIIAFAPDGIIRRITAFPTSGGRE
IVIDLTAVKFNVGILDSKFKYDPPKSSNKVDNFLYDIKKNLEHHHHHH
;
_entity_poly.pdbx_strand_id   A
#
# COMPACT_ATOMS: atom_id res chain seq x y z
N MET A 1 10.74 20.53 -14.10
CA MET A 1 11.39 21.09 -15.31
C MET A 1 11.59 19.98 -16.36
N GLN A 2 10.48 19.52 -16.96
CA GLN A 2 10.47 18.41 -17.91
C GLN A 2 10.78 17.07 -17.26
N ILE A 3 10.50 16.95 -15.96
CA ILE A 3 10.88 15.76 -15.18
C ILE A 3 10.15 14.52 -15.69
N SER A 4 10.90 13.45 -15.98
CA SER A 4 10.29 12.19 -16.41
C SER A 4 9.66 11.44 -15.22
N ALA A 5 8.77 10.49 -15.53
CA ALA A 5 8.15 9.71 -14.45
C ALA A 5 9.20 8.97 -13.64
N ASN A 6 10.22 8.45 -14.32
CA ASN A 6 11.27 7.74 -13.60
C ASN A 6 12.01 8.68 -12.68
N GLN A 7 12.35 9.88 -13.15
CA GLN A 7 13.03 10.84 -12.29
C GLN A 7 12.13 11.25 -11.13
N TYR A 8 10.84 11.44 -11.40
CA TYR A 8 9.92 11.80 -10.32
C TYR A 8 9.89 10.69 -9.28
N PHE A 9 9.81 9.45 -9.74
CA PHE A 9 9.74 8.38 -8.75
C PHE A 9 11.06 8.21 -8.00
N GLU A 10 12.21 8.47 -8.64
CA GLU A 10 13.46 8.45 -7.88
C GLU A 10 13.38 9.35 -6.66
N GLY A 11 12.80 10.55 -6.83
CA GLY A 11 12.68 11.46 -5.71
C GLY A 11 11.76 10.93 -4.63
N ILE A 12 10.64 10.32 -5.02
CA ILE A 12 9.76 9.67 -4.06
C ILE A 12 10.52 8.56 -3.33
N TYR A 13 11.16 7.68 -4.10
CA TYR A 13 11.87 6.55 -3.49
C TYR A 13 12.89 7.04 -2.47
N ALA A 14 13.67 8.06 -2.84
CA ALA A 14 14.69 8.56 -1.93
C ALA A 14 14.06 9.20 -0.69
N LYS A 15 12.94 9.88 -0.85
CA LYS A 15 12.26 10.46 0.30
C LYS A 15 11.90 9.39 1.32
N TYR A 16 11.32 8.28 0.85
CA TYR A 16 10.85 7.25 1.76
C TYR A 16 11.97 6.38 2.29
N GLN A 17 13.17 6.46 1.72
CA GLN A 17 14.32 5.77 2.29
C GLN A 17 14.78 6.41 3.59
N ASN A 18 14.33 7.63 3.88
CA ASN A 18 14.83 8.38 5.04
C ASN A 18 13.72 8.71 6.03
N ILE A 19 12.64 7.97 6.01
CA ILE A 19 11.51 8.11 6.91
C ILE A 19 11.44 6.87 7.77
N GLU A 20 11.26 7.06 9.07
CA GLU A 20 11.21 5.91 9.98
C GLU A 20 9.82 5.29 10.00
N ASP A 21 8.76 6.11 10.09
CA ASP A 21 7.41 5.55 10.08
C ASP A 21 6.42 6.57 9.52
N MET A 22 5.19 6.07 9.29
CA MET A 22 4.06 6.83 8.81
C MET A 22 2.80 6.43 9.55
N GLN A 23 1.98 7.42 9.89
CA GLN A 23 0.63 7.24 10.41
C GLN A 23 -0.35 7.89 9.43
N ALA A 24 -1.48 7.25 9.19
CA ALA A 24 -2.45 7.84 8.27
C ALA A 24 -3.83 7.30 8.61
N THR A 25 -4.82 8.14 8.39
CA THR A 25 -6.18 7.65 8.29
C THR A 25 -6.35 6.91 6.96
N ILE A 26 -6.92 5.71 7.01
CA ILE A 26 -6.94 4.87 5.83
C ILE A 26 -8.38 4.43 5.57
N ASN A 27 -8.81 4.55 4.32
CA ASN A 27 -10.04 3.93 3.84
C ASN A 27 -9.67 3.02 2.69
N PHE A 28 -10.20 1.80 2.70
CA PHE A 28 -9.87 0.88 1.63
C PHE A 28 -11.05 -0.04 1.38
N THR A 29 -11.15 -0.52 0.16
CA THR A 29 -12.26 -1.37 -0.27
C THR A 29 -11.77 -2.78 -0.50
N LEU A 30 -12.38 -3.74 0.18
CA LEU A 30 -12.09 -5.15 -0.04
C LEU A 30 -13.41 -5.90 -0.03
N LYS A 31 -13.53 -6.87 -0.92
CA LYS A 31 -14.68 -7.78 -0.97
C LYS A 31 -15.99 -7.01 -0.99
N GLY A 32 -15.98 -5.86 -1.68
CA GLY A 32 -17.15 -5.02 -1.82
C GLY A 32 -17.51 -4.16 -0.63
N LEU A 33 -16.65 -4.05 0.38
CA LEU A 33 -16.95 -3.27 1.58
C LEU A 33 -15.87 -2.23 1.82
N LYS A 34 -16.28 -1.04 2.28
CA LYS A 34 -15.33 -0.01 2.72
C LYS A 34 -14.94 -0.26 4.17
N GLN A 35 -13.63 -0.31 4.41
CA GLN A 35 -13.05 -0.43 5.73
C GLN A 35 -12.37 0.89 6.05
N THR A 36 -12.41 1.27 7.32
CA THR A 36 -11.94 2.58 7.74
C THR A 36 -11.21 2.42 9.06
N GLY A 37 -10.01 2.98 9.14
CA GLY A 37 -9.27 2.91 10.37
C GLY A 37 -8.00 3.74 10.31
N VAL A 38 -6.97 3.29 11.04
CA VAL A 38 -5.69 3.99 11.14
C VAL A 38 -4.56 3.04 10.74
N LEU A 39 -3.72 3.50 9.82
CA LEU A 39 -2.54 2.79 9.34
C LEU A 39 -1.30 3.27 10.09
N LEU A 40 -0.52 2.34 10.63
CA LEU A 40 0.83 2.63 11.10
C LEU A 40 1.81 1.81 10.29
N TYR A 41 2.70 2.49 9.55
CA TYR A 41 3.66 1.85 8.64
C TYR A 41 5.05 2.06 9.21
N LYS A 42 5.74 0.97 9.54
CA LYS A 42 7.13 1.04 10.02
C LYS A 42 8.02 0.71 8.83
N PHE A 43 8.72 1.71 8.31
CA PHE A 43 9.49 1.47 7.10
C PHE A 43 10.66 0.53 7.38
N PRO A 44 11.08 -0.24 6.37
CA PRO A 44 10.60 -0.20 4.98
C PRO A 44 9.34 -1.01 4.69
N ASP A 45 8.94 -1.99 5.56
CA ASP A 45 8.08 -3.05 5.05
C ASP A 45 7.09 -3.64 6.06
N LYS A 46 6.79 -2.97 7.19
CA LYS A 46 5.89 -3.52 8.19
C LYS A 46 4.69 -2.58 8.36
N PHE A 47 3.49 -3.12 8.58
CA PHE A 47 2.40 -2.21 8.94
C PHE A 47 1.32 -2.93 9.73
N ILE A 48 0.54 -2.12 10.43
CA ILE A 48 -0.65 -2.56 11.14
C ILE A 48 -1.77 -1.58 10.82
N ILE A 49 -2.98 -2.10 10.61
CA ILE A 49 -4.18 -1.27 10.46
C ILE A 49 -5.16 -1.67 11.55
N ASN A 50 -5.56 -0.73 12.37
CA ASN A 50 -6.62 -0.95 13.35
C ASN A 50 -7.88 -0.31 12.80
N LEU A 51 -8.95 -1.06 12.71
CA LEU A 51 -10.19 -0.57 12.13
C LEU A 51 -11.08 0.09 13.16
N ASP A 52 -11.85 1.07 12.68
CA ASP A 52 -12.79 1.82 13.48
C ASP A 52 -14.13 1.11 13.58
N SER A 53 -14.64 0.58 12.46
CA SER A 53 -16.01 0.08 12.42
C SER A 53 -16.15 -1.36 12.85
N ASN A 54 -15.05 -2.03 13.19
CA ASN A 54 -15.09 -3.39 13.70
C ASN A 54 -13.75 -3.68 14.36
N ASN A 55 -13.67 -4.82 15.02
CA ASN A 55 -12.49 -5.13 15.83
C ASN A 55 -11.42 -5.89 15.04
N GLN A 56 -11.55 -5.97 13.73
CA GLN A 56 -10.54 -6.67 12.96
C GLN A 56 -9.26 -5.86 12.85
N VAL A 57 -8.13 -6.58 12.79
CA VAL A 57 -6.81 -5.96 12.75
C VAL A 57 -6.02 -6.60 11.61
N PHE A 58 -5.44 -5.77 10.76
CA PHE A 58 -4.63 -6.20 9.61
C PHE A 58 -3.15 -5.92 9.92
N VAL A 59 -2.30 -6.90 9.71
CA VAL A 59 -0.88 -6.78 10.00
CA VAL A 59 -0.87 -6.75 9.99
C VAL A 59 -0.09 -7.36 8.83
N SER A 60 0.99 -6.69 8.47
CA SER A 60 1.86 -7.16 7.40
C SER A 60 3.31 -7.05 7.80
N ASP A 61 4.09 -8.08 7.48
CA ASP A 61 5.54 -8.09 7.67
C ASP A 61 6.26 -7.92 6.34
N GLY A 62 5.53 -7.56 5.28
CA GLY A 62 6.06 -7.41 3.93
C GLY A 62 5.96 -8.66 3.08
N GLU A 63 5.73 -9.81 3.71
CA GLU A 63 5.50 -11.07 3.02
C GLU A 63 4.07 -11.57 3.18
N PHE A 64 3.55 -11.61 4.41
CA PHE A 64 2.20 -12.07 4.70
C PHE A 64 1.35 -10.93 5.21
N LEU A 65 0.07 -11.00 4.87
CA LEU A 65 -0.98 -10.15 5.42
C LEU A 65 -1.85 -11.02 6.32
N THR A 66 -1.90 -10.68 7.59
CA THR A 66 -2.64 -11.44 8.60
C THR A 66 -3.83 -10.60 8.99
N VAL A 67 -5.01 -11.24 9.06
CA VAL A 67 -6.20 -10.58 9.56
C VAL A 67 -6.62 -11.28 10.85
N TYR A 68 -6.62 -10.53 11.93
CA TYR A 68 -7.10 -11.00 13.21
C TYR A 68 -8.60 -10.78 13.31
N VAL A 69 -9.31 -11.80 13.77
CA VAL A 69 -10.77 -11.77 13.94
C VAL A 69 -11.00 -12.08 15.42
N PRO A 70 -10.95 -11.09 16.31
CA PRO A 70 -10.98 -11.39 17.75
C PRO A 70 -12.29 -11.96 18.22
N SER A 71 -13.40 -11.65 17.54
CA SER A 71 -14.69 -12.23 17.93
CA SER A 71 -14.69 -12.24 17.92
C SER A 71 -14.71 -13.75 17.71
N LEU A 72 -13.78 -14.28 16.90
CA LEU A 72 -13.64 -15.72 16.66
C LEU A 72 -12.46 -16.33 17.40
N GLY A 73 -11.54 -15.51 17.90
CA GLY A 73 -10.38 -16.01 18.61
C GLY A 73 -9.28 -16.54 17.73
N THR A 74 -9.22 -16.14 16.47
CA THR A 74 -8.15 -16.63 15.60
C THR A 74 -7.81 -15.59 14.54
N SER A 75 -6.90 -15.97 13.63
CA SER A 75 -6.45 -15.08 12.58
C SER A 75 -6.24 -15.91 11.31
N PHE A 76 -6.18 -15.20 10.19
CA PHE A 76 -6.06 -15.78 8.87
C PHE A 76 -4.99 -15.01 8.12
N ASN A 77 -4.11 -15.70 7.41
CA ASN A 77 -3.07 -15.00 6.66
C ASN A 77 -2.95 -15.49 5.24
N GLN A 78 -2.65 -14.54 4.35
CA GLN A 78 -2.34 -14.84 2.97
C GLN A 78 -1.06 -14.13 2.62
N GLN A 79 -0.53 -14.46 1.46
CA GLN A 79 0.58 -13.71 0.95
C GLN A 79 0.12 -12.29 0.59
N LEU A 80 0.91 -11.31 1.03
CA LEU A 80 0.65 -9.90 0.74
C LEU A 80 0.66 -9.64 -0.76
N LEU A 81 1.55 -10.31 -1.48
CA LEU A 81 1.67 -10.08 -2.93
C LEU A 81 2.42 -11.27 -3.51
N LYS A 82 1.71 -12.38 -3.63
CA LYS A 82 2.28 -13.62 -4.14
C LYS A 82 2.90 -13.37 -5.49
N GLY A 83 4.18 -13.78 -5.64
CA GLY A 83 4.99 -13.52 -6.80
C GLY A 83 6.08 -12.50 -6.57
N SER A 84 5.90 -11.64 -5.56
CA SER A 84 6.82 -10.57 -5.24
C SER A 84 7.95 -11.06 -4.33
N SER A 85 9.10 -10.39 -4.45
CA SER A 85 10.23 -10.59 -3.56
C SER A 85 10.13 -9.78 -2.28
N GLY A 86 9.13 -8.91 -2.18
CA GLY A 86 8.84 -8.19 -0.98
C GLY A 86 9.86 -7.10 -0.71
N GLY A 87 9.97 -6.75 0.58
CA GLY A 87 10.84 -5.66 0.98
C GLY A 87 10.16 -4.33 1.20
N GLY A 88 8.83 -4.27 1.11
CA GLY A 88 8.09 -3.05 1.38
C GLY A 88 7.63 -2.38 0.10
N LEU A 89 6.70 -1.46 0.24
CA LEU A 89 6.02 -0.93 -0.94
C LEU A 89 6.99 -0.28 -1.92
N MET A 90 7.87 0.57 -1.40
CA MET A 90 8.76 1.32 -2.28
C MET A 90 9.71 0.41 -3.03
N LYS A 91 10.33 -0.57 -2.33
CA LYS A 91 11.23 -1.49 -3.00
C LYS A 91 10.51 -2.27 -4.08
N VAL A 92 9.28 -2.70 -3.78
CA VAL A 92 8.50 -3.47 -4.75
C VAL A 92 8.21 -2.63 -5.97
N LEU A 93 7.72 -1.41 -5.77
CA LEU A 93 7.43 -0.52 -6.90
C LEU A 93 8.69 -0.23 -7.70
N ASN A 94 9.81 -0.01 -7.00
CA ASN A 94 11.05 0.37 -7.64
C ASN A 94 11.70 -0.77 -8.42
N SER A 95 11.39 -2.04 -8.08
CA SER A 95 12.13 -3.17 -8.63
C SER A 95 11.30 -4.12 -9.48
N GLU A 96 10.00 -4.20 -9.28
CA GLU A 96 9.17 -5.15 -10.00
C GLU A 96 8.17 -4.51 -10.95
N TYR A 97 8.16 -3.17 -11.07
CA TYR A 97 7.19 -2.44 -11.90
C TYR A 97 7.92 -1.37 -12.70
N SER A 98 7.44 -1.10 -13.92
CA SER A 98 7.94 0.04 -14.67
C SER A 98 6.94 1.19 -14.49
N VAL A 99 7.46 2.40 -14.35
CA VAL A 99 6.66 3.55 -13.93
C VAL A 99 6.48 4.49 -15.12
N SER A 100 5.27 5.04 -15.24
CA SER A 100 4.92 6.02 -16.28
C SER A 100 3.95 7.01 -15.65
N TYR A 101 3.78 8.18 -16.28
CA TYR A 101 2.72 9.07 -15.84
C TYR A 101 1.39 8.51 -16.30
N THR A 102 0.42 8.48 -15.38
CA THR A 102 -0.87 7.91 -15.71
C THR A 102 -1.51 8.61 -16.88
N ASN A 103 -1.48 9.95 -16.86
CA ASN A 103 -2.03 10.79 -17.92
C ASN A 103 -1.04 11.82 -18.45
N SER A 104 -0.31 12.51 -17.56
CA SER A 104 0.60 13.56 -17.99
C SER A 104 1.59 13.84 -16.87
N PRO A 105 2.60 14.68 -17.12
CA PRO A 105 3.50 15.12 -16.05
C PRO A 105 2.92 16.24 -15.20
N ASN A 106 1.72 16.67 -15.53
CA ASN A 106 1.12 17.85 -14.94
C ASN A 106 0.26 17.51 -13.73
N LEU A 107 -0.04 18.56 -12.95
CA LEU A 107 -0.81 18.39 -11.73
C LEU A 107 -2.28 18.26 -12.06
N GLU A 108 -2.90 17.18 -11.59
CA GLU A 108 -4.24 16.79 -11.99
C GLU A 108 -5.13 16.46 -10.81
N ASP A 109 -6.43 16.46 -11.11
CA ASP A 109 -7.45 15.99 -10.19
C ASP A 109 -7.18 14.52 -9.84
N LEU A 110 -7.59 14.16 -8.62
CA LEU A 110 -7.43 12.78 -8.16
C LEU A 110 -8.10 11.79 -9.11
N ASP A 111 -9.20 12.23 -9.73
CA ASP A 111 -10.15 11.38 -10.42
C ASP A 111 -10.11 11.52 -11.93
N SER A 112 -9.76 12.71 -12.44
CA SER A 112 -9.72 13.03 -13.86
C SER A 112 -8.32 13.48 -14.28
N SER A 113 -8.19 13.79 -15.57
CA SER A 113 -6.99 14.47 -16.08
C SER A 113 -7.16 15.99 -16.11
N GLU A 114 -8.27 16.50 -15.54
CA GLU A 114 -8.46 17.91 -15.32
C GLU A 114 -7.38 18.43 -14.36
N PRO A 115 -7.19 19.74 -14.32
CA PRO A 115 -6.22 20.31 -13.37
C PRO A 115 -6.59 20.02 -11.92
N GLY A 116 -5.58 19.75 -11.13
CA GLY A 116 -5.76 19.48 -9.72
C GLY A 116 -4.42 19.63 -9.02
N LYS A 117 -4.23 18.90 -7.91
CA LYS A 117 -3.02 19.08 -7.15
C LYS A 117 -2.08 17.88 -7.15
N TYR A 118 -2.40 16.81 -7.90
CA TYR A 118 -1.71 15.52 -7.76
C TYR A 118 -0.88 15.13 -8.99
N ILE A 119 0.25 14.47 -8.72
CA ILE A 119 1.01 13.73 -9.75
C ILE A 119 0.56 12.29 -9.68
N LYS A 120 0.20 11.70 -10.82
CA LYS A 120 -0.29 10.31 -10.81
C LYS A 120 0.62 9.43 -11.63
N LEU A 121 1.09 8.35 -11.01
CA LEU A 121 2.02 7.41 -11.64
C LEU A 121 1.33 6.07 -11.76
N THR A 122 1.55 5.41 -12.91
CA THR A 122 1.15 4.02 -13.12
C THR A 122 2.37 3.13 -13.06
N PHE A 123 2.25 2.09 -12.28
CA PHE A 123 3.26 1.05 -12.08
C PHE A 123 2.74 -0.20 -12.76
N SER A 124 3.46 -0.67 -13.76
CA SER A 124 3.05 -1.81 -14.56
C SER A 124 4.03 -2.95 -14.30
N ARG A 125 3.50 -4.11 -13.93
CA ARG A 125 4.35 -5.25 -13.54
C ARG A 125 5.32 -5.63 -14.67
N LYS A 126 6.59 -5.84 -14.30
CA LYS A 126 7.58 -6.46 -15.18
C LYS A 126 7.39 -7.97 -15.08
N LEU A 127 6.78 -8.55 -16.10
CA LEU A 127 6.42 -9.96 -15.98
C LEU A 127 7.65 -10.87 -16.02
N TYR A 128 8.81 -10.37 -16.52
CA TYR A 128 10.04 -11.16 -16.43
C TYR A 128 10.59 -11.22 -14.99
N LYS A 129 9.96 -10.53 -14.04
CA LYS A 129 10.19 -10.75 -12.61
C LYS A 129 9.08 -11.60 -11.99
N GLY A 130 8.34 -12.33 -12.80
CA GLY A 130 7.28 -13.18 -12.26
C GLY A 130 5.94 -12.46 -12.24
N ALA A 131 4.88 -13.23 -12.43
CA ALA A 131 3.54 -12.71 -12.27
C ALA A 131 3.26 -12.52 -10.78
N ALA A 132 2.37 -11.58 -10.47
CA ALA A 132 1.97 -11.33 -9.09
C ALA A 132 0.44 -11.22 -9.06
N THR A 133 -0.11 -11.19 -7.85
CA THR A 133 -1.57 -11.13 -7.73
C THR A 133 -2.09 -9.71 -8.01
N ILE A 134 -1.20 -8.71 -8.04
CA ILE A 134 -1.50 -7.34 -8.43
C ILE A 134 -0.58 -6.96 -9.60
N ASN A 135 -1.16 -6.74 -10.79
CA ASN A 135 -0.31 -6.47 -11.94
C ASN A 135 -0.15 -4.97 -12.23
N SER A 136 -0.90 -4.10 -11.59
CA SER A 136 -0.63 -2.67 -11.77
C SER A 136 -1.12 -1.90 -10.55
N PHE A 137 -0.45 -0.77 -10.29
CA PHE A 137 -0.92 0.20 -9.30
C PHE A 137 -0.97 1.59 -9.96
N ILE A 138 -1.95 2.40 -9.56
CA ILE A 138 -1.94 3.81 -9.88
C ILE A 138 -1.86 4.56 -8.56
N ILE A 139 -0.85 5.42 -8.40
CA ILE A 139 -0.62 6.09 -7.13
C ILE A 139 -0.62 7.60 -7.37
N ALA A 140 -1.42 8.29 -6.59
CA ALA A 140 -1.54 9.75 -6.65
C ALA A 140 -0.74 10.35 -5.49
N PHE A 141 0.16 11.26 -5.84
CA PHE A 141 1.06 11.92 -4.91
C PHE A 141 0.69 13.40 -4.79
N ALA A 142 0.51 13.83 -3.55
CA ALA A 142 0.41 15.24 -3.25
C ALA A 142 1.80 15.89 -3.24
N PRO A 143 1.88 17.22 -3.15
N PRO A 143 1.87 17.19 -3.06
CA PRO A 143 3.08 17.92 -3.63
CA PRO A 143 3.18 17.84 -2.88
C PRO A 143 4.37 17.72 -2.82
C PRO A 143 4.03 17.20 -1.80
N ASP A 144 4.30 17.12 -1.63
N ASP A 144 5.34 17.41 -1.94
CA ASP A 144 5.47 16.87 -0.79
CA ASP A 144 6.37 16.85 -1.06
C ASP A 144 5.85 15.40 -0.77
C ASP A 144 6.20 15.34 -0.88
N GLY A 145 5.59 14.68 -1.86
CA GLY A 145 5.72 13.23 -1.96
C GLY A 145 4.78 12.42 -1.10
N ILE A 146 3.76 13.04 -0.54
CA ILE A 146 2.78 12.34 0.30
C ILE A 146 1.82 11.56 -0.59
N ILE A 147 1.60 10.29 -0.25
CA ILE A 147 0.66 9.45 -0.98
C ILE A 147 -0.76 9.82 -0.60
N ARG A 148 -1.58 10.12 -1.61
CA ARG A 148 -3.01 10.35 -1.35
C ARG A 148 -3.87 9.13 -1.67
N ARG A 149 -3.60 8.43 -2.75
CA ARG A 149 -4.41 7.27 -3.11
C ARG A 149 -3.54 6.23 -3.81
N ILE A 150 -3.76 4.96 -3.47
CA ILE A 150 -3.17 3.83 -4.16
C ILE A 150 -4.33 3.02 -4.70
N THR A 151 -4.38 2.83 -6.01
CA THR A 151 -5.37 1.92 -6.60
C THR A 151 -4.64 0.69 -7.12
N ALA A 152 -5.02 -0.47 -6.61
CA ALA A 152 -4.39 -1.73 -6.96
C ALA A 152 -5.34 -2.53 -7.83
N PHE A 153 -4.81 -3.02 -8.94
CA PHE A 153 -5.59 -3.76 -9.95
C PHE A 153 -5.25 -5.23 -9.85
N PRO A 154 -6.12 -6.07 -9.27
CA PRO A 154 -5.82 -7.50 -9.21
C PRO A 154 -5.65 -8.11 -10.58
N THR A 155 -4.66 -8.99 -10.67
CA THR A 155 -4.42 -9.67 -11.93
C THR A 155 -5.61 -10.51 -12.32
N SER A 156 -6.40 -10.95 -11.33
CA SER A 156 -7.59 -11.77 -11.54
C SER A 156 -8.65 -11.03 -12.37
N GLY A 157 -8.60 -9.70 -12.38
CA GLY A 157 -9.63 -8.90 -12.98
C GLY A 157 -10.75 -8.54 -12.04
N GLY A 158 -10.65 -8.92 -10.76
CA GLY A 158 -11.64 -8.55 -9.78
C GLY A 158 -11.71 -7.04 -9.58
N ARG A 159 -12.62 -6.60 -8.70
CA ARG A 159 -12.72 -5.19 -8.33
C ARG A 159 -11.34 -4.62 -8.00
N GLU A 160 -11.11 -3.37 -8.41
CA GLU A 160 -9.92 -2.69 -7.95
C GLU A 160 -9.99 -2.45 -6.45
N ILE A 161 -8.83 -2.43 -5.82
CA ILE A 161 -8.68 -2.08 -4.42
C ILE A 161 -8.21 -0.64 -4.36
N VAL A 162 -9.05 0.23 -3.84
CA VAL A 162 -8.77 1.65 -3.72
C VAL A 162 -8.43 1.94 -2.27
N ILE A 163 -7.25 2.50 -2.06
CA ILE A 163 -6.72 2.85 -0.75
C ILE A 163 -6.56 4.35 -0.69
N ASP A 164 -7.29 5.00 0.22
CA ASP A 164 -7.22 6.43 0.44
C ASP A 164 -6.47 6.68 1.74
N LEU A 165 -5.43 7.49 1.66
CA LEU A 165 -4.64 7.91 2.82
C LEU A 165 -4.88 9.39 3.04
N THR A 166 -5.25 9.76 4.26
CA THR A 166 -5.43 11.15 4.66
C THR A 166 -4.79 11.34 6.02
N ALA A 167 -4.66 12.60 6.44
CA ALA A 167 -4.03 12.90 7.73
C ALA A 167 -2.67 12.22 7.87
N VAL A 168 -1.90 12.22 6.77
CA VAL A 168 -0.60 11.57 6.77
C VAL A 168 0.35 12.36 7.66
N LYS A 169 1.03 11.64 8.57
CA LYS A 169 2.02 12.21 9.47
C LYS A 169 3.23 11.30 9.47
N PHE A 170 4.44 11.87 9.47
CA PHE A 170 5.66 11.05 9.45
C PHE A 170 6.39 11.08 10.79
N ASN A 171 7.03 9.96 11.10
CA ASN A 171 7.89 9.79 12.26
C ASN A 171 7.17 10.13 13.56
N VAL A 172 6.09 9.38 13.82
CA VAL A 172 5.34 9.55 15.05
C VAL A 172 5.91 8.74 16.20
N GLY A 173 6.70 7.71 15.92
CA GLY A 173 7.21 6.84 16.97
C GLY A 173 6.44 5.53 17.08
N ILE A 174 7.15 4.44 16.85
CA ILE A 174 6.61 3.10 17.05
C ILE A 174 7.71 2.23 17.63
N LEU A 175 7.68 2.01 18.95
CA LEU A 175 8.68 1.16 19.60
C LEU A 175 8.75 -0.19 18.90
N ASP A 176 10.00 -0.67 18.67
CA ASP A 176 10.20 -1.90 17.90
C ASP A 176 9.58 -3.13 18.57
N SER A 177 9.48 -3.12 19.91
CA SER A 177 8.89 -4.25 20.63
C SER A 177 7.37 -4.23 20.60
N LYS A 178 6.77 -3.06 20.40
CA LYS A 178 5.32 -2.92 20.47
C LYS A 178 4.60 -4.01 19.69
N PHE A 179 5.07 -4.35 18.48
CA PHE A 179 4.24 -5.08 17.53
C PHE A 179 4.96 -6.29 16.95
N LYS A 180 4.16 -7.31 16.66
CA LYS A 180 4.59 -8.52 15.97
C LYS A 180 3.87 -8.54 14.63
N TYR A 181 4.63 -8.55 13.54
CA TYR A 181 4.04 -8.30 12.25
C TYR A 181 3.83 -9.55 11.40
N ASP A 182 4.50 -10.68 11.74
CA ASP A 182 4.34 -11.92 11.00
C ASP A 182 3.18 -12.73 11.56
N PRO A 183 2.66 -13.69 10.80
CA PRO A 183 1.57 -14.49 11.31
C PRO A 183 1.96 -15.26 12.56
N PRO A 184 1.10 -15.28 13.57
CA PRO A 184 1.38 -16.09 14.75
C PRO A 184 1.33 -17.57 14.44
N LYS A 185 1.90 -18.35 15.38
CA LYS A 185 1.98 -19.79 15.19
C LYS A 185 0.59 -20.40 14.97
N SER A 186 -0.40 -19.88 15.67
CA SER A 186 -1.77 -20.38 15.64
C SER A 186 -2.57 -19.90 14.42
N SER A 187 -1.97 -19.07 13.58
CA SER A 187 -2.67 -18.48 12.43
C SER A 187 -2.96 -19.54 11.38
N ASN A 188 -3.98 -19.25 10.56
CA ASN A 188 -4.47 -20.19 9.57
C ASN A 188 -4.14 -19.66 8.18
N LYS A 189 -3.29 -20.41 7.46
CA LYS A 189 -2.94 -20.03 6.08
C LYS A 189 -4.15 -20.18 5.16
N VAL A 190 -4.39 -19.15 4.34
CA VAL A 190 -5.47 -19.14 3.37
C VAL A 190 -4.90 -18.57 2.07
N ASP A 191 -5.37 -19.06 0.94
CA ASP A 191 -4.75 -18.75 -0.35
C ASP A 191 -4.80 -17.26 -0.73
N ASN A 192 -5.96 -16.75 -1.07
CA ASN A 192 -6.16 -15.33 -1.43
C ASN A 192 -7.61 -15.11 -0.98
N PHE A 193 -7.79 -14.80 0.28
CA PHE A 193 -9.14 -14.53 0.75
C PHE A 193 -9.51 -13.08 0.64
N LEU A 194 -8.55 -12.20 0.34
CA LEU A 194 -8.80 -10.76 0.25
C LEU A 194 -8.85 -10.21 -1.16
N TYR A 195 -7.96 -10.58 -2.08
CA TYR A 195 -7.96 -9.87 -3.37
C TYR A 195 -8.78 -10.62 -4.43
#